data_7O27
#
_entry.id   7O27
#
_cell.length_a   64.124
_cell.length_b   64.124
_cell.length_c   224.940
_cell.angle_alpha   90.000
_cell.angle_beta   90.000
_cell.angle_gamma   120.000
#
_symmetry.space_group_name_H-M   'P 32 2 1'
#
loop_
_entity.id
_entity.type
_entity.pdbx_description
1 polymer 'N6-adenosine-methyltransferase catalytic subunit'
2 polymer 'N6-adenosine-methyltransferase non-catalytic subunit'
3 non-polymer 4-[4-[(4,4-dimethylpiperidin-1-yl)methyl]phenyl]-9-(7H-pyrrolo[2,3-d]pyrimidin-4-yl)-1,4,9-triazaspiro[5.5]undecan-2-one
4 non-polymer 'ACETATE ION'
5 water water
#
loop_
_entity_poly.entity_id
_entity_poly.type
_entity_poly.pdbx_seq_one_letter_code
_entity_poly.pdbx_strand_id
1 'polypeptide(L)'
;MGHHHHHHSSGRENLYFQGALTQSVGGDSSADRLFPPQWICCDIRYLDVSILGKFAVVMADPPWDIHMELPYGTLTDDEM
RRLNIPVLQDDGFLFLWVTGRAMELGRECLNLWGYERVDEIIWVKTNQLQRIIRTGRTGHWLNHGKEHCLVGVKGNPQGF
NQGLDCDVIVAEVRSTSHKPDEIYGMIERLSPGTRKIELFGRPHNVQPNWITLGNQLDGIHLLDPDVVARFKQRYPDGII
SKPKNL
;
A
2 'polypeptide(L)'
;MLKGTQSLNPHNDYCQHFVDTGHRPQNFIRDVGLADRFEEYPKLRELIRLKDELIAKSNTPPMYLQADIEAFDIRELTPK
FDVILLEPPLEEYYRETGITANEKCWTWDDIMKLEIDEIAAPRSFIFLWCGSGEGLDLGRVCLRKWGYRRCEDICWIKTN
KNNPGKTKTLDPKAVFQRTKEHCLMGIKGTVKRSTDGDFIHANVDIDLIITEEPEIGNIEKPVEIFHIIEHFCLGRRRLH
LFGRDSTIRPGWLTVGPTLTNSNYNAETYASYFSAPNSYLTGCTEEIERL
;
B
#
loop_
_chem_comp.id
_chem_comp.type
_chem_comp.name
_chem_comp.formula
ACT non-polymer 'ACETATE ION' 'C2 H3 O2 -1'
UYZ non-polymer 4-[4-[(4,4-dimethylpiperidin-1-yl)methyl]phenyl]-9-(7H-pyrrolo[2,3-d]pyrimidin-4-yl)-1,4,9-triazaspiro[5.5]undecan-2-one 'C28 H37 N7 O'
#
# COMPACT_ATOMS: atom_id res chain seq x y z
N LEU A 34 8.29 -33.67 6.01
CA LEU A 34 8.58 -33.60 7.44
C LEU A 34 7.97 -32.35 8.10
N PHE A 35 6.76 -32.51 8.64
CA PHE A 35 5.98 -31.41 9.20
C PHE A 35 6.68 -30.49 10.21
N PRO A 36 7.58 -30.94 11.09
CA PRO A 36 8.08 -30.04 12.19
C PRO A 36 9.09 -29.01 11.70
N PRO A 37 9.39 -27.98 12.52
CA PRO A 37 10.26 -26.88 12.06
C PRO A 37 11.60 -27.37 11.53
N GLN A 38 12.11 -26.64 10.54
CA GLN A 38 13.42 -26.90 9.97
C GLN A 38 14.06 -25.56 9.66
N TRP A 39 15.39 -25.54 9.64
CA TRP A 39 16.06 -24.28 9.41
C TRP A 39 17.51 -24.52 9.00
N ILE A 40 18.11 -23.48 8.42
CA ILE A 40 19.44 -23.53 7.81
C ILE A 40 20.11 -22.18 8.08
N CYS A 41 21.08 -22.16 8.99
CA CYS A 41 21.91 -20.96 9.15
C CYS A 41 22.83 -20.84 7.94
N CYS A 42 22.74 -19.73 7.22
CA CYS A 42 23.54 -19.55 6.02
C CYS A 42 23.41 -18.10 5.60
N ASP A 43 24.18 -17.73 4.57
CA ASP A 43 23.97 -16.49 3.85
C ASP A 43 23.12 -16.86 2.64
N ILE A 44 21.91 -16.34 2.61
CA ILE A 44 21.02 -16.64 1.49
C ILE A 44 21.65 -16.20 0.17
N ARG A 45 22.55 -15.21 0.20
CA ARG A 45 23.28 -14.80 -0.99
C ARG A 45 23.99 -15.98 -1.63
N TYR A 46 24.51 -16.89 -0.81
CA TYR A 46 25.43 -17.90 -1.30
C TYR A 46 24.87 -19.31 -1.28
N LEU A 47 23.85 -19.58 -0.46
CA LEU A 47 23.27 -20.92 -0.39
C LEU A 47 22.70 -21.34 -1.74
N ASP A 48 22.91 -22.61 -2.09
CA ASP A 48 22.40 -23.18 -3.33
C ASP A 48 20.97 -23.64 -3.06
N VAL A 49 20.01 -22.74 -3.27
CA VAL A 49 18.64 -23.01 -2.83
C VAL A 49 17.94 -24.08 -3.67
N SER A 50 18.57 -24.56 -4.75
CA SER A 50 17.96 -25.62 -5.55
C SER A 50 17.84 -26.91 -4.75
N ILE A 51 18.70 -27.13 -3.76
CA ILE A 51 18.61 -28.33 -2.95
C ILE A 51 17.31 -28.39 -2.15
N LEU A 52 16.56 -27.30 -2.08
CA LEU A 52 15.41 -27.24 -1.19
C LEU A 52 14.11 -27.69 -1.82
N GLY A 53 14.07 -27.87 -3.15
CA GLY A 53 12.84 -28.25 -3.81
C GLY A 53 11.87 -27.07 -3.99
N LYS A 54 10.62 -27.42 -4.28
CA LYS A 54 9.59 -26.45 -4.61
C LYS A 54 8.68 -26.22 -3.42
N PHE A 55 8.15 -25.01 -3.32
CA PHE A 55 7.29 -24.65 -2.21
C PHE A 55 6.00 -24.02 -2.69
N ALA A 56 4.95 -24.22 -1.91
CA ALA A 56 3.67 -23.61 -2.25
C ALA A 56 3.62 -22.14 -1.90
N VAL A 57 4.36 -21.74 -0.86
CA VAL A 57 4.39 -20.36 -0.39
C VAL A 57 5.83 -20.00 -0.11
N VAL A 58 6.25 -18.83 -0.55
CA VAL A 58 7.52 -18.25 -0.13
C VAL A 58 7.21 -16.98 0.64
N MET A 59 7.93 -16.75 1.72
CA MET A 59 7.86 -15.50 2.44
C MET A 59 9.27 -14.96 2.63
N ALA A 60 9.41 -13.65 2.43
CA ALA A 60 10.66 -12.96 2.68
C ALA A 60 10.39 -11.64 3.40
N ASP A 61 11.28 -11.29 4.32
CA ASP A 61 11.27 -9.99 4.98
C ASP A 61 12.70 -9.50 4.85
N PRO A 62 13.08 -9.05 3.66
CA PRO A 62 14.48 -8.78 3.39
C PRO A 62 15.01 -7.63 4.21
N PRO A 63 16.30 -7.59 4.48
CA PRO A 63 16.99 -6.41 5.03
C PRO A 63 17.33 -5.42 3.92
N TRP A 64 16.30 -4.73 3.43
CA TRP A 64 16.49 -3.75 2.37
C TRP A 64 17.49 -2.68 2.80
N ASP A 65 18.42 -2.35 1.91
CA ASP A 65 19.33 -1.22 2.08
C ASP A 65 18.55 0.08 1.88
N ILE A 66 18.18 0.72 2.99
CA ILE A 66 17.34 1.91 2.92
C ILE A 66 17.73 2.95 3.98
N PRO A 71 21.62 -1.17 10.79
CA PRO A 71 21.71 -1.70 12.16
C PRO A 71 22.01 -3.20 12.17
N TYR A 72 21.90 -3.84 11.01
CA TYR A 72 22.17 -5.26 10.84
C TYR A 72 22.73 -5.47 9.44
N GLY A 73 23.00 -6.73 9.09
CA GLY A 73 23.47 -7.05 7.75
C GLY A 73 22.47 -6.75 6.64
N THR A 74 22.73 -5.71 5.85
CA THR A 74 21.89 -5.30 4.74
C THR A 74 22.36 -5.94 3.41
N LEU A 75 21.46 -5.94 2.43
CA LEU A 75 21.77 -6.37 1.08
C LEU A 75 21.55 -5.22 0.11
N THR A 76 22.33 -5.21 -0.96
CA THR A 76 22.19 -4.14 -1.92
C THR A 76 21.08 -4.48 -2.90
N ASP A 77 20.62 -3.46 -3.63
CA ASP A 77 19.52 -3.70 -4.55
C ASP A 77 19.87 -4.74 -5.60
N ASP A 78 21.12 -4.72 -6.11
CA ASP A 78 21.50 -5.75 -7.09
C ASP A 78 21.54 -7.13 -6.43
N GLU A 79 21.98 -7.20 -5.18
CA GLU A 79 21.97 -8.48 -4.48
C GLU A 79 20.55 -8.98 -4.32
N MET A 80 19.65 -8.10 -3.86
CA MET A 80 18.22 -8.43 -3.83
C MET A 80 17.72 -8.89 -5.20
N ARG A 81 18.11 -8.20 -6.28
CA ARG A 81 17.65 -8.62 -7.60
C ARG A 81 18.19 -9.98 -7.99
N ARG A 82 19.41 -10.30 -7.56
CA ARG A 82 20.04 -11.54 -7.97
C ARG A 82 19.59 -12.74 -7.15
N LEU A 83 18.84 -12.56 -6.06
CA LEU A 83 18.42 -13.71 -5.27
C LEU A 83 17.73 -14.75 -6.16
N ASN A 84 18.08 -16.01 -5.97
CA ASN A 84 17.54 -17.04 -6.86
C ASN A 84 16.15 -17.48 -6.40
N ILE A 85 15.26 -16.51 -6.20
CA ILE A 85 13.84 -16.82 -5.95
C ILE A 85 13.23 -17.72 -7.03
N PRO A 86 13.49 -17.51 -8.33
CA PRO A 86 12.67 -18.22 -9.34
C PRO A 86 12.71 -19.73 -9.24
N VAL A 87 13.79 -20.31 -8.70
CA VAL A 87 13.87 -21.77 -8.62
C VAL A 87 12.96 -22.32 -7.53
N LEU A 88 12.57 -21.47 -6.57
CA LEU A 88 11.90 -21.98 -5.37
C LEU A 88 10.47 -22.43 -5.61
N GLN A 89 9.85 -22.07 -6.73
CA GLN A 89 8.42 -22.34 -6.90
C GLN A 89 8.12 -22.64 -8.36
N ASP A 90 7.02 -23.37 -8.58
CA ASP A 90 6.40 -23.52 -9.88
C ASP A 90 5.01 -22.92 -9.92
N ASP A 91 4.19 -23.22 -8.91
CA ASP A 91 2.90 -22.59 -8.77
C ASP A 91 2.69 -22.28 -7.30
N GLY A 92 2.40 -21.03 -6.99
CA GLY A 92 2.26 -20.66 -5.60
C GLY A 92 2.35 -19.16 -5.39
N PHE A 93 2.52 -18.82 -4.13
CA PHE A 93 2.41 -17.45 -3.66
C PHE A 93 3.71 -17.00 -3.03
N LEU A 94 4.02 -15.73 -3.22
CA LEU A 94 5.11 -15.06 -2.56
C LEU A 94 4.55 -13.98 -1.64
N PHE A 95 5.03 -13.96 -0.40
CA PHE A 95 4.73 -12.89 0.54
C PHE A 95 6.02 -12.13 0.81
N LEU A 96 6.00 -10.81 0.56
CA LEU A 96 7.22 -10.00 0.54
C LEU A 96 7.01 -8.71 1.35
N TRP A 97 7.67 -8.61 2.50
CA TRP A 97 7.50 -7.42 3.32
C TRP A 97 8.34 -6.30 2.75
N VAL A 98 7.81 -5.09 2.82
CA VAL A 98 8.42 -3.91 2.25
C VAL A 98 8.26 -2.74 3.22
N THR A 99 9.00 -1.68 2.96
CA THR A 99 8.88 -0.44 3.69
C THR A 99 9.64 0.62 2.94
N GLY A 100 9.27 1.87 3.19
CA GLY A 100 10.01 2.96 2.60
C GLY A 100 10.04 2.82 1.10
N ARG A 101 11.24 2.97 0.53
CA ARG A 101 11.40 2.89 -0.92
C ARG A 101 11.41 1.46 -1.41
N ALA A 102 11.61 0.48 -0.52
CA ALA A 102 11.45 -0.90 -0.94
C ALA A 102 10.04 -1.17 -1.43
N MET A 103 9.09 -0.27 -1.12
CA MET A 103 7.74 -0.43 -1.63
C MET A 103 7.74 -0.54 -3.14
N GLU A 104 8.64 0.21 -3.81
CA GLU A 104 8.86 0.19 -5.24
C GLU A 104 9.87 -0.88 -5.60
N LEU A 105 10.98 -0.90 -4.89
CA LEU A 105 12.01 -1.89 -5.18
C LEU A 105 11.46 -3.30 -5.03
N GLY A 106 10.70 -3.55 -3.96
CA GLY A 106 10.08 -4.85 -3.80
C GLY A 106 9.13 -5.21 -4.91
N ARG A 107 8.42 -4.23 -5.45
CA ARG A 107 7.58 -4.49 -6.62
C ARG A 107 8.44 -4.87 -7.82
N GLU A 108 9.57 -4.20 -7.98
CA GLU A 108 10.49 -4.52 -9.06
C GLU A 108 11.00 -5.96 -8.92
N CYS A 109 11.48 -6.33 -7.74
CA CYS A 109 11.98 -7.69 -7.52
C CYS A 109 10.89 -8.71 -7.76
N LEU A 110 9.75 -8.50 -7.15
CA LEU A 110 8.61 -9.38 -7.36
C LEU A 110 8.38 -9.63 -8.84
N ASN A 111 8.35 -8.56 -9.65
CA ASN A 111 8.14 -8.73 -11.08
C ASN A 111 9.34 -9.43 -11.73
N LEU A 112 10.56 -8.97 -11.42
CA LEU A 112 11.75 -9.58 -12.00
C LEU A 112 11.74 -11.08 -11.76
N TRP A 113 11.47 -11.50 -10.52
CA TRP A 113 11.49 -12.91 -10.18
C TRP A 113 10.38 -13.72 -10.83
N GLY A 114 9.45 -13.08 -11.54
CA GLY A 114 8.41 -13.77 -12.26
C GLY A 114 7.04 -13.86 -11.58
N TYR A 115 6.75 -13.00 -10.62
CA TYR A 115 5.44 -12.99 -9.98
C TYR A 115 4.60 -11.82 -10.47
N GLU A 116 3.29 -11.93 -10.28
CA GLU A 116 2.36 -10.82 -10.42
C GLU A 116 1.83 -10.44 -9.04
N ARG A 117 1.90 -9.15 -8.71
CA ARG A 117 1.34 -8.71 -7.44
C ARG A 117 -0.18 -8.76 -7.54
N VAL A 118 -0.83 -9.55 -6.70
CA VAL A 118 -2.27 -9.73 -6.76
C VAL A 118 -2.97 -9.28 -5.49
N ASP A 119 -2.23 -8.98 -4.44
CA ASP A 119 -2.79 -8.46 -3.21
C ASP A 119 -1.69 -7.75 -2.46
N GLU A 120 -2.10 -7.03 -1.43
CA GLU A 120 -1.17 -6.34 -0.55
C GLU A 120 -1.80 -6.32 0.83
N ILE A 121 -1.17 -6.96 1.80
CA ILE A 121 -1.64 -6.98 3.18
C ILE A 121 -1.06 -5.80 3.91
N ILE A 122 -1.84 -5.18 4.80
CA ILE A 122 -1.25 -4.21 5.72
C ILE A 122 -1.49 -4.67 7.15
N TRP A 123 -0.47 -4.52 7.98
CA TRP A 123 -0.56 -4.81 9.41
C TRP A 123 -0.73 -3.50 10.16
N VAL A 124 -1.89 -3.31 10.79
CA VAL A 124 -2.11 -2.16 11.65
C VAL A 124 -1.52 -2.46 13.02
N LYS A 125 -0.56 -1.65 13.45
CA LYS A 125 0.14 -1.87 14.71
C LYS A 125 -0.67 -1.24 15.85
N THR A 126 -1.13 -2.08 16.78
CA THR A 126 -1.78 -1.62 18.01
C THR A 126 -0.92 -1.96 19.22
N ASN A 127 -1.27 -1.32 20.33
CA ASN A 127 -0.74 -1.73 21.64
C ASN A 127 -1.61 -2.86 22.20
N GLN A 128 -1.41 -3.17 23.49
CA GLN A 128 -2.20 -4.22 24.11
C GLN A 128 -3.66 -3.79 24.30
N LEU A 129 -3.94 -2.49 24.24
CA LEU A 129 -5.29 -1.95 24.42
C LEU A 129 -5.99 -1.60 23.11
N GLN A 130 -5.47 -2.09 21.97
CA GLN A 130 -6.10 -1.95 20.65
C GLN A 130 -6.27 -0.50 20.23
N ARG A 131 -5.27 0.33 20.52
CA ARG A 131 -5.13 1.66 19.95
C ARG A 131 -3.93 1.67 19.03
N ILE A 132 -3.93 2.60 18.08
CA ILE A 132 -2.90 2.61 17.05
C ILE A 132 -1.61 3.21 17.61
N ILE A 133 -0.48 2.61 17.22
CA ILE A 133 0.83 3.10 17.67
C ILE A 133 1.14 4.47 17.06
N HIS A 140 8.29 10.37 7.80
CA HIS A 140 8.70 11.41 6.85
C HIS A 140 7.72 12.58 6.86
N TRP A 141 6.55 12.40 6.23
CA TRP A 141 5.49 13.38 6.27
C TRP A 141 4.34 12.97 7.17
N LEU A 142 4.18 11.67 7.40
CA LEU A 142 3.13 11.12 8.25
C LEU A 142 3.74 10.07 9.16
N ASN A 143 3.21 9.97 10.37
CA ASN A 143 3.54 8.83 11.21
C ASN A 143 2.99 7.55 10.57
N HIS A 144 3.72 6.45 10.74
CA HIS A 144 3.36 5.21 10.06
C HIS A 144 2.69 4.27 11.04
N GLY A 145 1.41 3.99 10.79
CA GLY A 145 0.64 3.08 11.60
C GLY A 145 0.53 1.67 11.04
N LYS A 146 1.34 1.32 10.05
CA LYS A 146 1.13 0.07 9.34
C LYS A 146 2.42 -0.39 8.71
N GLU A 147 2.46 -1.67 8.35
CA GLU A 147 3.52 -2.25 7.57
C GLU A 147 2.91 -3.01 6.40
N HIS A 148 3.59 -2.99 5.26
CA HIS A 148 3.04 -3.58 4.06
C HIS A 148 3.72 -4.90 3.74
N CYS A 149 2.92 -5.84 3.24
CA CYS A 149 3.40 -7.12 2.74
C CYS A 149 2.75 -7.36 1.39
N LEU A 150 3.56 -7.32 0.33
CA LEU A 150 3.07 -7.63 -1.00
C LEU A 150 2.81 -9.11 -1.15
N VAL A 151 1.79 -9.43 -1.95
CA VAL A 151 1.43 -10.80 -2.27
C VAL A 151 1.56 -11.01 -3.78
N GLY A 152 2.39 -11.96 -4.18
CA GLY A 152 2.58 -12.27 -5.58
C GLY A 152 2.17 -13.69 -5.89
N VAL A 153 1.75 -13.90 -7.13
CA VAL A 153 1.41 -15.25 -7.59
C VAL A 153 2.29 -15.60 -8.78
N LYS A 154 2.61 -16.89 -8.88
CA LYS A 154 3.41 -17.47 -9.95
C LYS A 154 2.73 -18.71 -10.48
N GLY A 155 2.71 -18.86 -11.80
CA GLY A 155 2.15 -20.07 -12.38
C GLY A 155 0.63 -20.08 -12.27
N ASN A 156 0.08 -21.30 -12.12
CA ASN A 156 -1.36 -21.53 -11.95
C ASN A 156 -1.58 -22.35 -10.69
N PRO A 157 -1.51 -21.73 -9.52
CA PRO A 157 -1.73 -22.48 -8.28
C PRO A 157 -3.18 -22.96 -8.17
N GLN A 158 -3.34 -24.19 -7.70
CA GLN A 158 -4.67 -24.78 -7.57
C GLN A 158 -4.81 -25.42 -6.21
N GLY A 159 -6.05 -25.43 -5.71
CA GLY A 159 -6.37 -26.03 -4.43
C GLY A 159 -6.13 -25.14 -3.24
N PHE A 160 -5.99 -23.84 -3.45
CA PHE A 160 -5.81 -22.94 -2.34
C PHE A 160 -7.15 -22.34 -1.95
N ASN A 161 -7.21 -21.87 -0.73
CA ASN A 161 -8.43 -21.31 -0.17
C ASN A 161 -8.36 -19.78 -0.22
N GLN A 162 -8.45 -19.26 -1.44
CA GLN A 162 -8.47 -17.82 -1.62
C GLN A 162 -9.74 -17.24 -1.00
N GLY A 163 -9.63 -16.06 -0.37
CA GLY A 163 -10.77 -15.35 0.17
C GLY A 163 -11.12 -15.66 1.61
N LEU A 164 -10.33 -16.47 2.30
CA LEU A 164 -10.68 -16.83 3.67
C LEU A 164 -10.38 -15.69 4.62
N ASP A 165 -9.24 -15.02 4.46
CA ASP A 165 -8.99 -13.87 5.30
C ASP A 165 -9.08 -12.59 4.50
N CYS A 166 -8.91 -11.48 5.18
CA CYS A 166 -8.95 -10.19 4.53
C CYS A 166 -7.58 -9.54 4.64
N ASP A 167 -7.38 -8.50 3.83
CA ASP A 167 -6.03 -7.98 3.63
C ASP A 167 -5.57 -7.08 4.75
N VAL A 168 -6.25 -7.02 5.89
CA VAL A 168 -5.79 -6.22 7.02
C VAL A 168 -5.46 -7.13 8.20
N ILE A 169 -4.33 -6.87 8.83
CA ILE A 169 -3.96 -7.51 10.10
C ILE A 169 -3.98 -6.45 11.19
N VAL A 170 -4.59 -6.78 12.32
CA VAL A 170 -4.60 -5.92 13.50
C VAL A 170 -4.02 -6.73 14.64
N ALA A 171 -2.90 -6.26 15.20
CA ALA A 171 -2.11 -7.09 16.10
C ALA A 171 -1.10 -6.21 16.82
N GLU A 172 -0.63 -6.71 17.96
CA GLU A 172 0.24 -5.94 18.84
C GLU A 172 1.70 -6.08 18.42
N VAL A 173 2.45 -4.99 18.59
CA VAL A 173 3.90 -5.02 18.36
C VAL A 173 4.59 -5.87 19.42
N ARG A 174 5.48 -6.77 18.98
CA ARG A 174 6.36 -7.45 19.93
C ARG A 174 7.72 -6.76 19.94
N SER A 175 8.77 -7.42 19.47
CA SER A 175 10.06 -6.77 19.42
C SER A 175 10.19 -5.96 18.13
N THR A 176 11.24 -5.15 18.06
CA THR A 176 11.47 -4.38 16.84
C THR A 176 11.76 -5.34 15.68
N SER A 177 11.30 -4.96 14.50
CA SER A 177 11.56 -5.73 13.28
C SER A 177 10.92 -7.11 13.32
N HIS A 178 9.96 -7.33 14.21
CA HIS A 178 9.27 -8.61 14.31
C HIS A 178 7.93 -8.52 13.58
N LYS A 179 7.73 -9.36 12.59
CA LYS A 179 6.44 -9.43 11.92
C LYS A 179 5.42 -10.12 12.82
N PRO A 180 4.13 -9.87 12.62
CA PRO A 180 3.10 -10.48 13.48
C PRO A 180 2.89 -11.96 13.17
N ASP A 181 2.64 -12.75 14.22
CA ASP A 181 2.43 -14.18 14.03
C ASP A 181 1.21 -14.49 13.19
N GLU A 182 0.26 -13.55 13.10
CA GLU A 182 -0.99 -13.80 12.37
C GLU A 182 -0.75 -14.12 10.89
N ILE A 183 0.36 -13.67 10.31
CA ILE A 183 0.63 -13.97 8.91
C ILE A 183 0.70 -15.47 8.68
N TYR A 184 1.20 -16.22 9.67
CA TYR A 184 1.33 -17.67 9.48
C TYR A 184 -0.02 -18.36 9.49
N GLY A 185 -0.92 -17.95 10.38
CA GLY A 185 -2.25 -18.53 10.37
C GLY A 185 -2.97 -18.23 9.07
N MET A 186 -2.80 -17.00 8.57
CA MET A 186 -3.31 -16.62 7.26
C MET A 186 -2.73 -17.51 6.18
N ILE A 187 -1.42 -17.77 6.25
CA ILE A 187 -0.81 -18.51 5.16
C ILE A 187 -1.20 -19.98 5.25
N GLU A 188 -1.38 -20.50 6.47
CA GLU A 188 -1.81 -21.88 6.66
C GLU A 188 -3.25 -22.09 6.18
N ARG A 189 -4.15 -21.16 6.47
CA ARG A 189 -5.52 -21.33 5.98
C ARG A 189 -5.57 -21.24 4.47
N LEU A 190 -4.75 -20.35 3.88
CA LEU A 190 -4.72 -20.23 2.43
C LEU A 190 -4.27 -21.52 1.76
N SER A 191 -3.30 -22.21 2.36
CA SER A 191 -2.63 -23.34 1.71
C SER A 191 -2.24 -24.35 2.78
N PRO A 192 -3.23 -25.08 3.31
CA PRO A 192 -2.96 -25.94 4.47
C PRO A 192 -2.16 -27.16 4.10
N GLY A 193 -1.21 -27.48 4.98
CA GLY A 193 -0.39 -28.67 4.88
C GLY A 193 0.75 -28.64 3.90
N THR A 194 0.94 -27.56 3.13
CA THR A 194 1.93 -27.51 2.07
C THR A 194 3.29 -27.05 2.59
N ARG A 195 4.33 -27.27 1.76
CA ARG A 195 5.70 -26.85 2.08
C ARG A 195 5.89 -25.35 1.92
N LYS A 196 6.49 -24.72 2.90
CA LYS A 196 6.66 -23.27 2.88
C LYS A 196 8.06 -22.90 3.32
N ILE A 197 8.64 -21.90 2.67
CA ILE A 197 9.99 -21.47 3.00
C ILE A 197 9.97 -19.99 3.35
N GLU A 198 10.70 -19.63 4.40
CA GLU A 198 10.84 -18.25 4.81
C GLU A 198 12.29 -17.84 4.60
N LEU A 199 12.51 -16.67 4.03
CA LEU A 199 13.84 -16.14 3.76
C LEU A 199 14.10 -14.97 4.67
N PHE A 200 15.31 -14.91 5.22
CA PHE A 200 15.68 -13.87 6.18
C PHE A 200 14.80 -13.96 7.42
N GLY A 201 14.64 -15.17 7.92
CA GLY A 201 14.00 -15.35 9.20
C GLY A 201 15.00 -15.28 10.34
N ARG A 202 14.46 -15.27 11.54
CA ARG A 202 15.18 -15.29 12.80
C ARG A 202 14.57 -16.38 13.68
N PRO A 203 15.29 -16.81 14.75
CA PRO A 203 14.85 -17.99 15.53
C PRO A 203 13.36 -18.13 15.83
N HIS A 204 12.71 -17.04 16.25
CA HIS A 204 11.28 -17.11 16.60
C HIS A 204 10.42 -17.47 15.40
N ASN A 205 10.91 -17.20 14.19
CA ASN A 205 10.13 -17.44 12.97
C ASN A 205 9.95 -18.90 12.62
N VAL A 206 10.63 -19.84 13.30
CA VAL A 206 10.55 -21.23 12.86
C VAL A 206 9.16 -21.77 13.14
N GLN A 207 8.63 -22.52 12.19
CA GLN A 207 7.24 -22.96 12.25
C GLN A 207 7.16 -24.35 11.64
N PRO A 208 6.18 -25.15 12.06
CA PRO A 208 5.89 -26.39 11.33
C PRO A 208 5.52 -26.09 9.89
N ASN A 209 5.76 -27.07 9.02
CA ASN A 209 5.60 -26.94 7.58
C ASN A 209 6.55 -25.91 6.95
N TRP A 210 7.31 -25.17 7.75
CA TRP A 210 8.23 -24.16 7.23
C TRP A 210 9.69 -24.58 7.37
N ILE A 211 10.48 -24.25 6.35
CA ILE A 211 11.93 -24.23 6.45
C ILE A 211 12.35 -22.78 6.51
N THR A 212 13.17 -22.43 7.50
CA THR A 212 13.55 -21.05 7.76
C THR A 212 15.02 -20.84 7.40
N LEU A 213 15.32 -19.85 6.56
CA LEU A 213 16.70 -19.53 6.23
C LEU A 213 17.05 -18.18 6.84
N GLY A 214 18.19 -18.12 7.51
CA GLY A 214 18.65 -16.89 8.11
C GLY A 214 20.04 -17.10 8.66
N ASN A 215 20.76 -16.00 8.81
CA ASN A 215 22.15 -16.08 9.26
C ASN A 215 22.28 -16.06 10.78
N GLN A 216 21.23 -15.69 11.51
CA GLN A 216 21.24 -15.73 12.98
C GLN A 216 20.58 -16.98 13.52
N LEU A 217 20.45 -18.01 12.70
CA LEU A 217 19.84 -19.24 13.17
C LEU A 217 20.92 -20.16 13.75
N ASP A 218 20.45 -21.19 14.43
CA ASP A 218 21.33 -22.07 15.22
C ASP A 218 21.62 -23.32 14.39
N GLY A 219 22.68 -23.26 13.60
CA GLY A 219 23.12 -24.43 12.85
C GLY A 219 22.15 -24.84 11.75
N ILE A 220 22.20 -26.13 11.40
CA ILE A 220 21.38 -26.71 10.33
C ILE A 220 20.49 -27.78 10.94
N HIS A 221 19.17 -27.62 10.85
CA HIS A 221 18.24 -28.62 11.37
C HIS A 221 17.23 -29.07 10.31
N LEU A 222 17.50 -30.18 9.62
CA LEU A 222 16.69 -30.64 8.49
C LEU A 222 16.16 -32.05 8.73
N LEU A 223 14.89 -32.28 8.41
CA LEU A 223 14.24 -33.56 8.70
C LEU A 223 13.58 -34.18 7.47
N ASP A 224 13.21 -33.37 6.48
CA ASP A 224 12.71 -33.90 5.23
C ASP A 224 13.80 -34.76 4.59
N PRO A 225 13.55 -36.03 4.29
CA PRO A 225 14.60 -36.83 3.64
C PRO A 225 15.07 -36.28 2.31
N ASP A 226 14.16 -35.91 1.39
CA ASP A 226 14.59 -35.42 0.08
C ASP A 226 15.54 -34.24 0.22
N VAL A 227 15.31 -33.36 1.20
CA VAL A 227 16.22 -32.25 1.39
C VAL A 227 17.54 -32.73 1.98
N VAL A 228 17.48 -33.56 3.03
CA VAL A 228 18.69 -34.03 3.69
C VAL A 228 19.62 -34.72 2.69
N ALA A 229 19.04 -35.52 1.79
CA ALA A 229 19.82 -36.10 0.70
C ALA A 229 20.53 -35.03 -0.11
N ARG A 230 19.76 -34.15 -0.77
CA ARG A 230 20.34 -33.17 -1.68
C ARG A 230 21.30 -32.24 -0.96
N PHE A 231 21.10 -32.00 0.33
CA PHE A 231 22.05 -31.21 1.08
C PHE A 231 23.41 -31.91 1.16
N LYS A 232 23.43 -33.14 1.67
CA LYS A 232 24.69 -33.90 1.76
C LYS A 232 25.41 -33.96 0.42
N GLN A 233 24.66 -34.18 -0.68
CA GLN A 233 25.27 -34.29 -2.01
C GLN A 233 25.95 -32.99 -2.41
N ARG A 234 25.25 -31.86 -2.25
CA ARG A 234 25.81 -30.58 -2.63
C ARG A 234 26.83 -30.06 -1.61
N TYR A 235 26.67 -30.42 -0.33
CA TYR A 235 27.55 -29.95 0.74
C TYR A 235 28.04 -31.13 1.57
N PRO A 236 28.95 -31.95 1.04
CA PRO A 236 29.44 -33.10 1.82
C PRO A 236 30.09 -32.75 3.14
N ASP A 237 30.55 -31.52 3.33
CA ASP A 237 31.31 -31.14 4.52
C ASP A 237 30.59 -30.11 5.39
N GLY A 238 29.32 -29.81 5.12
CA GLY A 238 28.56 -28.91 5.95
C GLY A 238 29.01 -27.47 5.97
N ILE A 239 29.56 -26.96 4.86
CA ILE A 239 30.01 -25.57 4.77
C ILE A 239 29.53 -24.98 3.45
N ILE A 240 29.02 -23.75 3.49
CA ILE A 240 28.50 -23.06 2.31
C ILE A 240 29.28 -21.75 2.11
N SER A 241 30.00 -21.65 0.99
CA SER A 241 31.01 -20.60 0.82
C SER A 241 30.72 -19.59 -0.30
N LYS A 242 30.95 -19.99 -1.56
CA LYS A 242 30.99 -19.03 -2.67
C LYS A 242 29.60 -18.60 -3.13
N ASN B 12 -5.03 -12.15 21.34
CA ASN B 12 -6.16 -12.50 20.50
C ASN B 12 -5.82 -12.35 19.02
N ASP B 13 -6.21 -13.35 18.23
CA ASP B 13 -5.92 -13.43 16.79
C ASP B 13 -7.16 -12.99 16.00
N TYR B 14 -7.17 -11.72 15.55
CA TYR B 14 -8.35 -11.17 14.90
C TYR B 14 -8.55 -11.68 13.48
N CYS B 15 -7.54 -12.32 12.89
CA CYS B 15 -7.71 -12.97 11.59
C CYS B 15 -8.50 -14.25 11.72
N GLN B 16 -8.10 -15.10 12.67
CA GLN B 16 -8.92 -16.26 13.04
C GLN B 16 -10.33 -15.83 13.41
N HIS B 17 -10.45 -14.72 14.15
CA HIS B 17 -11.78 -14.23 14.54
C HIS B 17 -12.60 -13.78 13.33
N PHE B 18 -11.96 -13.12 12.35
CA PHE B 18 -12.69 -12.78 11.13
C PHE B 18 -13.13 -14.02 10.39
N VAL B 19 -12.24 -15.03 10.34
CA VAL B 19 -12.58 -16.30 9.73
C VAL B 19 -13.75 -16.95 10.46
N ASP B 20 -13.84 -16.74 11.78
CA ASP B 20 -14.88 -17.35 12.61
C ASP B 20 -16.22 -16.62 12.46
N THR B 21 -16.22 -15.28 12.51
CA THR B 21 -17.44 -14.52 12.71
C THR B 21 -17.77 -13.50 11.63
N GLY B 22 -16.87 -13.24 10.67
CA GLY B 22 -17.13 -12.26 9.62
C GLY B 22 -16.85 -10.82 10.00
N HIS B 23 -16.36 -10.56 11.20
CA HIS B 23 -15.94 -9.21 11.59
C HIS B 23 -14.51 -8.97 11.14
N ARG B 24 -14.31 -7.97 10.30
CA ARG B 24 -12.97 -7.65 9.87
C ARG B 24 -12.11 -7.25 11.06
N PRO B 25 -10.83 -7.61 11.07
CA PRO B 25 -9.96 -7.23 12.19
C PRO B 25 -10.04 -5.76 12.58
N GLN B 26 -10.27 -4.87 11.63
CA GLN B 26 -10.27 -3.44 11.92
C GLN B 26 -11.46 -3.00 12.76
N ASN B 27 -12.51 -3.81 12.81
CA ASN B 27 -13.68 -3.50 13.63
C ASN B 27 -13.30 -3.28 15.08
N PHE B 28 -12.20 -3.85 15.55
CA PHE B 28 -11.83 -3.83 16.95
C PHE B 28 -10.72 -2.84 17.28
N ILE B 29 -10.30 -2.02 16.33
CA ILE B 29 -9.39 -0.93 16.69
C ILE B 29 -10.18 0.10 17.48
N ARG B 30 -9.67 0.46 18.65
CA ARG B 30 -10.33 1.47 19.47
C ARG B 30 -9.78 2.85 19.14
N ASP B 31 -10.61 3.88 19.33
CA ASP B 31 -10.27 5.28 19.10
C ASP B 31 -10.04 5.56 17.61
N VAL B 32 -11.00 5.14 16.79
CA VAL B 32 -10.80 5.12 15.34
C VAL B 32 -12.10 5.39 14.59
N LEU B 47 -3.84 21.74 21.24
CA LEU B 47 -4.74 21.16 20.26
C LEU B 47 -4.47 21.75 18.88
N ILE B 48 -4.73 20.95 17.84
CA ILE B 48 -4.46 21.36 16.46
C ILE B 48 -5.58 22.27 15.98
N ARG B 49 -6.23 22.97 16.90
CA ARG B 49 -7.44 23.73 16.57
C ARG B 49 -7.11 25.10 15.99
N LEU B 50 -5.94 25.67 16.29
CA LEU B 50 -5.55 26.93 15.66
C LEU B 50 -5.33 26.73 14.18
N LYS B 51 -4.44 25.80 13.83
CA LYS B 51 -4.47 25.18 12.51
C LYS B 51 -5.89 24.68 12.32
N ASP B 52 -6.40 24.59 11.09
CA ASP B 52 -7.83 24.36 10.80
C ASP B 52 -8.56 25.68 10.77
N GLU B 53 -8.44 26.47 11.85
CA GLU B 53 -8.96 27.83 11.83
C GLU B 53 -8.10 28.71 10.93
N LEU B 54 -6.78 28.60 11.05
CA LEU B 54 -5.88 29.32 10.14
C LEU B 54 -6.12 28.88 8.69
N ILE B 55 -6.14 27.57 8.46
CA ILE B 55 -6.56 27.02 7.18
C ILE B 55 -7.87 27.67 6.73
N ALA B 56 -8.87 27.71 7.62
CA ALA B 56 -10.18 28.20 7.19
C ALA B 56 -10.15 29.69 6.86
N LYS B 57 -9.35 30.47 7.59
CA LYS B 57 -9.19 31.87 7.23
C LYS B 57 -8.51 32.02 5.87
N SER B 58 -7.53 31.16 5.60
CA SER B 58 -6.71 31.26 4.39
C SER B 58 -7.43 30.72 3.14
N ASN B 59 -8.43 29.86 3.31
CA ASN B 59 -9.06 29.18 2.18
C ASN B 59 -9.66 30.18 1.19
N THR B 60 -9.31 30.03 -0.09
CA THR B 60 -10.00 30.71 -1.15
C THR B 60 -11.47 30.30 -1.15
N PRO B 61 -12.34 31.11 -1.72
CA PRO B 61 -13.71 30.65 -1.99
C PRO B 61 -13.70 29.37 -2.80
N PRO B 62 -14.59 28.44 -2.51
CA PRO B 62 -14.67 27.23 -3.35
C PRO B 62 -14.90 27.59 -4.80
N MET B 63 -14.14 26.97 -5.68
CA MET B 63 -14.38 27.13 -7.11
C MET B 63 -14.50 25.75 -7.74
N TYR B 64 -15.32 25.68 -8.78
CA TYR B 64 -15.73 24.40 -9.35
C TYR B 64 -16.06 24.65 -10.82
N LEU B 65 -15.92 23.60 -11.65
CA LEU B 65 -16.16 23.69 -13.09
C LEU B 65 -16.58 22.33 -13.64
N GLN B 66 -17.73 22.27 -14.30
CA GLN B 66 -18.12 21.06 -15.01
C GLN B 66 -17.23 20.89 -16.24
N ALA B 67 -16.66 19.70 -16.44
CA ALA B 67 -15.77 19.43 -17.55
C ALA B 67 -15.68 17.93 -17.76
N ASP B 68 -15.85 17.46 -19.00
CA ASP B 68 -15.56 16.08 -19.37
C ASP B 68 -14.06 15.94 -19.54
N ILE B 69 -13.39 15.35 -18.54
CA ILE B 69 -11.94 15.50 -18.47
C ILE B 69 -11.26 14.74 -19.60
N GLU B 70 -11.87 13.64 -20.07
CA GLU B 70 -11.37 12.98 -21.26
C GLU B 70 -11.27 13.95 -22.44
N ALA B 71 -12.32 14.75 -22.64
CA ALA B 71 -12.43 15.64 -23.80
C ALA B 71 -11.98 17.07 -23.51
N PHE B 72 -11.28 17.31 -22.40
CA PHE B 72 -11.07 18.65 -21.90
C PHE B 72 -9.57 18.91 -21.85
N ASP B 73 -9.13 19.98 -22.50
CA ASP B 73 -7.70 20.29 -22.48
C ASP B 73 -7.33 20.69 -21.07
N ILE B 74 -6.50 19.87 -20.42
CA ILE B 74 -6.19 20.13 -19.03
C ILE B 74 -5.44 21.45 -18.86
N ARG B 75 -4.61 21.83 -19.86
CA ARG B 75 -3.76 23.01 -19.71
C ARG B 75 -4.58 24.28 -19.48
N GLU B 76 -5.84 24.28 -19.91
CA GLU B 76 -6.79 25.37 -19.69
C GLU B 76 -7.03 25.66 -18.21
N LEU B 77 -6.49 24.84 -17.30
CA LEU B 77 -6.60 25.06 -15.86
C LEU B 77 -5.33 25.69 -15.36
N THR B 78 -5.42 26.96 -14.97
CA THR B 78 -4.26 27.70 -14.51
C THR B 78 -4.64 28.44 -13.24
N PRO B 79 -3.65 28.90 -12.46
CA PRO B 79 -2.21 28.67 -12.58
C PRO B 79 -1.82 27.28 -12.14
N LYS B 80 -0.52 26.96 -12.14
CA LYS B 80 -0.06 25.64 -11.77
C LYS B 80 -0.39 25.37 -10.31
N PHE B 81 -0.74 24.11 -10.00
CA PHE B 81 -1.32 23.78 -8.70
C PHE B 81 -0.25 23.30 -7.73
N ASP B 82 -0.40 23.72 -6.47
CA ASP B 82 0.46 23.22 -5.41
C ASP B 82 0.09 21.81 -5.01
N VAL B 83 -1.20 21.46 -5.11
CA VAL B 83 -1.70 20.17 -4.67
C VAL B 83 -2.74 19.68 -5.68
N ILE B 84 -2.64 18.41 -6.06
CA ILE B 84 -3.60 17.79 -6.96
C ILE B 84 -4.11 16.53 -6.28
N LEU B 85 -5.41 16.46 -6.08
CA LEU B 85 -6.10 15.30 -5.56
C LEU B 85 -6.84 14.72 -6.73
N LEU B 86 -6.57 13.46 -7.04
CA LEU B 86 -7.06 12.86 -8.27
C LEU B 86 -7.84 11.61 -7.94
N GLU B 87 -9.11 11.57 -8.36
CA GLU B 87 -10.08 10.59 -7.86
C GLU B 87 -10.86 9.96 -9.00
N PRO B 88 -10.16 9.32 -9.94
CA PRO B 88 -10.82 8.89 -11.18
C PRO B 88 -11.75 7.73 -10.90
N PRO B 89 -12.84 7.64 -11.60
CA PRO B 89 -13.82 6.58 -11.32
C PRO B 89 -13.43 5.23 -11.88
N LEU B 90 -12.84 4.41 -11.02
CA LEU B 90 -12.39 3.09 -11.40
C LEU B 90 -13.56 2.14 -11.53
N GLU B 91 -13.44 1.21 -12.50
CA GLU B 91 -14.47 0.19 -12.69
C GLU B 91 -14.73 -0.60 -11.41
N GLU B 92 -13.68 -0.87 -10.64
CA GLU B 92 -13.85 -1.66 -9.43
C GLU B 92 -14.74 -0.96 -8.41
N TYR B 93 -14.87 0.37 -8.49
CA TYR B 93 -15.78 1.08 -7.61
C TYR B 93 -17.25 0.74 -7.87
N TYR B 94 -17.55 0.12 -9.00
CA TYR B 94 -18.90 -0.34 -9.31
C TYR B 94 -18.92 -1.87 -9.31
N ARG B 95 -18.86 -2.43 -8.10
CA ARG B 95 -19.03 -3.87 -7.94
C ARG B 95 -20.45 -4.23 -8.37
N GLU B 96 -21.44 -3.85 -7.56
CA GLU B 96 -22.84 -4.07 -7.92
C GLU B 96 -23.47 -2.77 -8.43
N THR B 97 -22.90 -2.24 -9.50
CA THR B 97 -23.43 -1.03 -10.14
C THR B 97 -22.78 -0.79 -11.51
N LYS B 104 -19.52 6.37 -17.06
CA LYS B 104 -18.22 6.06 -17.67
C LYS B 104 -17.14 5.70 -16.63
N CYS B 105 -16.74 4.44 -16.57
CA CYS B 105 -15.57 4.08 -15.78
C CYS B 105 -14.29 4.52 -16.51
N TRP B 106 -13.30 4.93 -15.74
CA TRP B 106 -11.99 5.28 -16.28
C TRP B 106 -11.03 4.13 -16.03
N THR B 107 -10.33 3.68 -17.07
CA THR B 107 -9.28 2.70 -16.92
C THR B 107 -7.98 3.39 -16.57
N TRP B 108 -7.04 2.61 -16.06
CA TRP B 108 -5.69 3.11 -15.86
C TRP B 108 -5.05 3.51 -17.18
N ASP B 109 -5.45 2.86 -18.27
CA ASP B 109 -5.06 3.30 -19.59
C ASP B 109 -5.44 4.76 -19.79
N ASP B 110 -6.72 5.08 -19.51
CA ASP B 110 -7.18 6.46 -19.62
C ASP B 110 -6.43 7.35 -18.64
N ILE B 111 -6.25 6.88 -17.40
CA ILE B 111 -5.72 7.78 -16.38
C ILE B 111 -4.28 8.14 -16.71
N MET B 112 -3.49 7.12 -17.05
CA MET B 112 -2.10 7.32 -17.46
C MET B 112 -1.95 8.33 -18.58
N LYS B 113 -2.97 8.52 -19.40
CA LYS B 113 -2.82 9.44 -20.52
C LYS B 113 -3.13 10.89 -20.14
N LEU B 114 -3.47 11.15 -18.88
CA LEU B 114 -3.79 12.52 -18.49
C LEU B 114 -2.51 13.31 -18.38
N GLU B 115 -2.56 14.58 -18.80
CA GLU B 115 -1.32 15.34 -18.88
C GLU B 115 -1.01 16.05 -17.56
N ILE B 116 -0.99 15.29 -16.46
CA ILE B 116 -0.96 15.90 -15.13
C ILE B 116 0.26 16.78 -14.92
N ASP B 117 1.39 16.44 -15.55
CA ASP B 117 2.60 17.23 -15.37
C ASP B 117 2.46 18.62 -15.93
N GLU B 118 1.54 18.83 -16.87
CA GLU B 118 1.37 20.13 -17.51
C GLU B 118 0.74 21.16 -16.59
N ILE B 119 -0.01 20.75 -15.57
CA ILE B 119 -0.68 21.70 -14.69
C ILE B 119 -0.13 21.64 -13.26
N ALA B 120 0.94 20.89 -13.03
CA ALA B 120 1.51 20.75 -11.70
C ALA B 120 2.66 21.73 -11.53
N ALA B 121 2.72 22.36 -10.37
CA ALA B 121 3.77 23.32 -10.12
C ALA B 121 5.09 22.60 -9.92
N PRO B 122 6.22 23.28 -10.18
CA PRO B 122 7.53 22.63 -10.09
C PRO B 122 7.77 21.91 -8.78
N ARG B 123 7.40 22.53 -7.68
CA ARG B 123 7.29 21.84 -6.41
C ARG B 123 5.80 21.71 -6.15
N SER B 124 5.30 20.48 -6.11
CA SER B 124 3.89 20.26 -5.84
C SER B 124 3.70 18.86 -5.31
N PHE B 125 2.43 18.52 -5.07
CA PHE B 125 2.04 17.30 -4.41
C PHE B 125 0.83 16.73 -5.13
N ILE B 126 0.78 15.41 -5.22
CA ILE B 126 -0.37 14.74 -5.80
C ILE B 126 -0.89 13.75 -4.77
N PHE B 127 -2.21 13.65 -4.68
CA PHE B 127 -2.87 12.60 -3.92
C PHE B 127 -3.76 11.87 -4.90
N LEU B 128 -3.49 10.56 -5.07
CA LEU B 128 -4.10 9.75 -6.11
C LEU B 128 -4.72 8.53 -5.45
N TRP B 129 -6.02 8.38 -5.64
CA TRP B 129 -6.79 7.25 -5.11
C TRP B 129 -6.63 6.10 -6.08
N CYS B 130 -6.15 4.95 -5.58
CA CYS B 130 -5.74 3.86 -6.46
C CYS B 130 -6.55 2.59 -6.27
N GLY B 131 -7.51 2.58 -5.35
CA GLY B 131 -8.30 1.37 -5.16
C GLY B 131 -7.51 0.34 -4.38
N SER B 132 -7.62 -0.91 -4.80
CA SER B 132 -6.95 -2.01 -4.12
C SER B 132 -6.44 -3.07 -5.08
N GLY B 133 -6.62 -2.90 -6.38
CA GLY B 133 -6.18 -3.92 -7.30
C GLY B 133 -4.94 -3.50 -8.06
N GLU B 134 -5.02 -3.59 -9.39
CA GLU B 134 -3.90 -3.19 -10.23
C GLU B 134 -3.51 -1.74 -10.00
N GLY B 135 -4.47 -0.90 -9.55
CA GLY B 135 -4.16 0.50 -9.26
C GLY B 135 -2.96 0.69 -8.34
N LEU B 136 -2.70 -0.26 -7.45
CA LEU B 136 -1.57 -0.05 -6.56
C LEU B 136 -0.26 -0.11 -7.31
N ASP B 137 -0.25 -0.68 -8.51
CA ASP B 137 0.93 -0.70 -9.37
C ASP B 137 0.85 0.34 -10.47
N LEU B 138 -0.24 0.32 -11.25
CA LEU B 138 -0.41 1.32 -12.32
C LEU B 138 -0.44 2.73 -11.76
N GLY B 139 -0.94 2.91 -10.53
CA GLY B 139 -0.89 4.25 -9.94
C GLY B 139 0.53 4.71 -9.70
N ARG B 140 1.41 3.81 -9.31
CA ARG B 140 2.81 4.19 -9.11
C ARG B 140 3.47 4.55 -10.44
N VAL B 141 3.10 3.82 -11.50
CA VAL B 141 3.61 4.15 -12.83
C VAL B 141 3.17 5.56 -13.22
N CYS B 142 1.90 5.90 -12.96
CA CYS B 142 1.44 7.25 -13.24
C CYS B 142 2.28 8.27 -12.50
N LEU B 143 2.45 8.10 -11.19
CA LEU B 143 3.20 9.07 -10.41
C LEU B 143 4.57 9.33 -11.02
N ARG B 144 5.30 8.25 -11.31
CA ARG B 144 6.60 8.38 -11.98
C ARG B 144 6.46 9.02 -13.35
N LYS B 145 5.44 8.63 -14.12
CA LYS B 145 5.27 9.19 -15.45
C LYS B 145 5.08 10.70 -15.39
N TRP B 146 4.36 11.20 -14.38
CA TRP B 146 4.08 12.62 -14.23
C TRP B 146 5.17 13.36 -13.49
N GLY B 147 6.19 12.65 -13.01
CA GLY B 147 7.32 13.30 -12.37
C GLY B 147 7.39 13.25 -10.86
N TYR B 148 6.55 12.47 -10.19
CA TYR B 148 6.58 12.45 -8.73
C TYR B 148 7.28 11.21 -8.22
N ARG B 149 7.80 11.34 -7.00
CA ARG B 149 8.24 10.22 -6.19
C ARG B 149 7.24 10.01 -5.03
N ARG B 150 6.83 8.77 -4.81
CA ARG B 150 5.92 8.49 -3.71
C ARG B 150 6.63 8.71 -2.38
N CYS B 151 6.02 9.47 -1.48
CA CYS B 151 6.63 9.55 -0.15
C CYS B 151 5.71 9.06 0.94
N GLU B 152 4.45 8.76 0.62
CA GLU B 152 3.50 8.21 1.59
C GLU B 152 2.45 7.38 0.87
N ASP B 153 2.01 6.34 1.55
CA ASP B 153 0.93 5.46 1.11
C ASP B 153 -0.12 5.53 2.21
N ILE B 154 -1.21 6.26 1.97
CA ILE B 154 -2.31 6.38 2.94
C ILE B 154 -3.35 5.30 2.70
N CYS B 155 -3.72 4.58 3.76
CA CYS B 155 -4.67 3.49 3.64
C CYS B 155 -6.02 3.85 4.29
N TRP B 156 -7.08 3.70 3.50
CA TRP B 156 -8.45 3.83 3.97
C TRP B 156 -8.95 2.43 4.30
N ILE B 157 -9.01 2.14 5.60
CA ILE B 157 -9.41 0.84 6.09
C ILE B 157 -10.89 0.88 6.42
N LYS B 158 -11.67 0.02 5.78
CA LYS B 158 -13.13 0.01 5.93
C LYS B 158 -13.55 -1.04 6.94
N THR B 159 -14.16 -0.60 8.04
CA THR B 159 -14.81 -1.49 8.99
C THR B 159 -16.17 -1.94 8.46
N ASN B 160 -16.61 -3.15 8.86
CA ASN B 160 -17.94 -3.65 8.53
C ASN B 160 -18.76 -3.94 9.79
N LYS B 161 -18.65 -3.08 10.80
CA LYS B 161 -19.36 -3.30 12.07
C LYS B 161 -20.86 -3.41 11.84
N ASN B 162 -21.40 -2.76 10.81
CA ASN B 162 -22.83 -2.74 10.56
C ASN B 162 -23.29 -3.87 9.64
N ASN B 163 -22.39 -4.71 9.13
CA ASN B 163 -22.87 -5.87 8.38
C ASN B 163 -21.88 -7.02 8.44
N PRO B 164 -21.56 -7.56 9.64
CA PRO B 164 -20.70 -8.74 9.73
C PRO B 164 -21.09 -9.85 8.76
N LYS B 168 -17.84 -10.80 0.67
CA LYS B 168 -17.29 -10.01 -0.43
C LYS B 168 -17.03 -10.83 -1.71
N THR B 169 -17.62 -10.40 -2.83
CA THR B 169 -17.37 -11.03 -4.13
C THR B 169 -16.00 -10.58 -4.63
N LEU B 170 -15.06 -11.52 -4.72
CA LEU B 170 -13.66 -11.19 -4.94
C LEU B 170 -13.35 -10.97 -6.42
N ASP B 171 -12.42 -10.06 -6.68
CA ASP B 171 -11.62 -10.00 -7.91
C ASP B 171 -11.06 -11.39 -8.20
N PRO B 172 -11.08 -11.83 -9.46
CA PRO B 172 -10.47 -13.13 -9.81
C PRO B 172 -9.06 -13.35 -9.29
N LYS B 173 -8.17 -12.38 -9.48
CA LYS B 173 -6.80 -12.59 -9.02
C LYS B 173 -6.66 -12.45 -7.51
N ALA B 174 -7.71 -12.02 -6.83
CA ALA B 174 -7.62 -11.76 -5.40
C ALA B 174 -7.30 -13.03 -4.63
N VAL B 175 -6.43 -12.90 -3.65
CA VAL B 175 -6.12 -13.98 -2.74
C VAL B 175 -6.84 -13.82 -1.42
N PHE B 176 -7.11 -12.59 -1.01
CA PHE B 176 -7.77 -12.30 0.24
C PHE B 176 -9.01 -11.45 0.00
N GLN B 177 -9.82 -11.33 1.03
CA GLN B 177 -10.92 -10.38 0.96
C GLN B 177 -10.32 -8.98 1.06
N ARG B 178 -10.74 -8.08 0.16
CA ARG B 178 -10.18 -6.73 0.10
C ARG B 178 -11.04 -5.75 0.89
N THR B 179 -10.45 -5.08 1.86
CA THR B 179 -11.21 -4.28 2.81
C THR B 179 -10.62 -2.88 2.97
N LYS B 180 -9.91 -2.39 1.97
CA LYS B 180 -9.24 -1.10 2.09
C LYS B 180 -9.02 -0.51 0.69
N GLU B 181 -8.60 0.75 0.67
CA GLU B 181 -8.23 1.44 -0.54
C GLU B 181 -7.00 2.27 -0.24
N HIS B 182 -6.14 2.48 -1.25
CA HIS B 182 -4.92 3.24 -1.05
C HIS B 182 -4.99 4.57 -1.77
N CYS B 183 -4.53 5.62 -1.09
CA CYS B 183 -4.34 6.93 -1.68
C CYS B 183 -2.86 7.22 -1.62
N LEU B 184 -2.22 7.32 -2.78
CA LEU B 184 -0.77 7.51 -2.82
C LEU B 184 -0.44 8.98 -2.83
N MET B 185 0.57 9.37 -2.06
CA MET B 185 1.06 10.73 -2.00
C MET B 185 2.39 10.84 -2.76
N GLY B 186 2.43 11.69 -3.78
CA GLY B 186 3.64 11.92 -4.56
C GLY B 186 4.14 13.33 -4.36
N ILE B 187 5.46 13.50 -4.34
CA ILE B 187 6.08 14.81 -4.30
C ILE B 187 6.92 14.99 -5.56
N LYS B 188 7.03 16.23 -6.02
CA LYS B 188 7.95 16.59 -7.11
C LYS B 188 8.66 17.87 -6.72
N GLY B 189 9.98 17.85 -6.78
CA GLY B 189 10.76 19.02 -6.43
C GLY B 189 11.32 18.93 -5.02
N THR B 190 12.01 20.00 -4.64
CA THR B 190 12.73 20.09 -3.38
C THR B 190 11.82 19.95 -2.16
N VAL B 204 1.45 15.46 12.44
CA VAL B 204 0.35 15.27 13.39
C VAL B 204 -0.49 14.04 13.01
N ASP B 205 -0.60 13.75 11.71
CA ASP B 205 -1.55 12.77 11.21
C ASP B 205 -0.87 11.41 10.99
N ILE B 206 -1.71 10.38 10.89
CA ILE B 206 -1.27 9.01 10.68
C ILE B 206 -1.57 8.65 9.23
N ASP B 207 -0.88 7.64 8.70
CA ASP B 207 -1.13 7.25 7.31
C ASP B 207 -2.29 6.26 7.18
N LEU B 208 -3.34 6.43 8.01
CA LEU B 208 -4.49 5.53 8.06
C LEU B 208 -5.77 6.31 8.23
N ILE B 209 -6.83 5.89 7.54
CA ILE B 209 -8.17 6.43 7.73
C ILE B 209 -9.10 5.24 7.94
N ILE B 210 -9.83 5.23 9.06
CA ILE B 210 -10.70 4.11 9.42
C ILE B 210 -12.12 4.62 9.48
N THR B 211 -13.00 4.02 8.67
CA THR B 211 -14.40 4.35 8.66
C THR B 211 -15.17 3.08 8.29
N GLU B 212 -16.49 3.15 8.43
CA GLU B 212 -17.34 2.04 8.03
C GLU B 212 -17.47 2.03 6.52
N GLU B 213 -17.58 0.84 5.96
CA GLU B 213 -17.66 0.73 4.52
C GLU B 213 -18.94 1.39 4.04
N PRO B 214 -18.87 2.29 3.07
CA PRO B 214 -20.09 2.96 2.59
C PRO B 214 -21.04 1.96 1.93
N GLU B 215 -22.31 2.39 1.84
CA GLU B 215 -23.32 1.56 1.19
C GLU B 215 -22.91 1.22 -0.23
N ILE B 216 -23.40 0.07 -0.72
CA ILE B 216 -23.05 -0.37 -2.06
C ILE B 216 -23.39 0.74 -3.06
N GLY B 217 -22.46 1.02 -3.97
CA GLY B 217 -22.65 2.09 -4.93
C GLY B 217 -22.40 3.49 -4.42
N ASN B 218 -22.01 3.66 -3.15
CA ASN B 218 -21.54 4.95 -2.69
C ASN B 218 -20.04 4.99 -2.92
N ILE B 219 -19.61 5.82 -3.87
CA ILE B 219 -18.20 5.87 -4.23
C ILE B 219 -17.46 6.96 -3.47
N GLU B 220 -18.11 7.65 -2.54
CA GLU B 220 -17.45 8.76 -1.88
C GLU B 220 -16.22 8.29 -1.12
N LYS B 221 -15.18 9.09 -1.16
CA LYS B 221 -14.04 8.77 -0.32
C LYS B 221 -14.12 9.57 0.95
N PRO B 222 -13.53 9.09 2.05
CA PRO B 222 -13.66 9.80 3.32
C PRO B 222 -13.16 11.23 3.25
N VAL B 223 -14.00 12.16 3.70
CA VAL B 223 -13.63 13.56 3.78
C VAL B 223 -12.33 13.75 4.57
N GLU B 224 -11.98 12.79 5.43
CA GLU B 224 -10.73 12.91 6.21
C GLU B 224 -9.50 13.14 5.34
N ILE B 225 -9.52 12.65 4.10
CA ILE B 225 -8.37 12.83 3.21
C ILE B 225 -8.06 14.32 3.08
N PHE B 226 -9.12 15.15 2.99
CA PHE B 226 -8.94 16.59 2.90
C PHE B 226 -8.24 17.13 4.13
N HIS B 227 -8.68 16.72 5.32
CA HIS B 227 -8.00 17.14 6.55
C HIS B 227 -6.53 16.79 6.53
N ILE B 228 -6.20 15.55 6.15
CA ILE B 228 -4.79 15.18 6.08
C ILE B 228 -4.04 16.10 5.13
N ILE B 229 -4.62 16.40 3.96
CA ILE B 229 -3.92 17.25 3.02
C ILE B 229 -3.77 18.66 3.57
N GLU B 230 -4.87 19.25 4.05
CA GLU B 230 -4.80 20.63 4.53
C GLU B 230 -3.81 20.78 5.68
N HIS B 231 -3.74 19.78 6.57
CA HIS B 231 -2.80 19.89 7.68
C HIS B 231 -1.34 19.83 7.23
N PHE B 232 -1.07 19.40 6.00
CA PHE B 232 0.30 19.44 5.51
C PHE B 232 0.80 20.86 5.26
N CYS B 233 -0.11 21.79 4.92
CA CYS B 233 0.25 23.19 4.66
C CYS B 233 1.15 23.30 3.44
N LEU B 234 0.68 22.74 2.32
CA LEU B 234 1.46 22.61 1.09
C LEU B 234 1.24 23.74 0.09
N GLY B 235 0.41 24.71 0.40
CA GLY B 235 0.07 25.77 -0.54
C GLY B 235 -1.41 25.82 -0.83
N ARG B 236 -1.78 26.89 -1.54
CA ARG B 236 -3.18 27.26 -1.58
C ARG B 236 -3.86 26.91 -2.90
N ARG B 237 -3.11 26.67 -3.96
CA ARG B 237 -3.76 26.29 -5.21
C ARG B 237 -3.97 24.78 -5.20
N ARG B 238 -5.20 24.38 -4.90
CA ARG B 238 -5.55 23.00 -4.67
C ARG B 238 -6.60 22.59 -5.68
N LEU B 239 -6.34 21.50 -6.39
CA LEU B 239 -7.20 21.02 -7.46
C LEU B 239 -7.66 19.62 -7.12
N HIS B 240 -8.93 19.34 -7.37
CA HIS B 240 -9.54 18.05 -7.14
C HIS B 240 -10.18 17.63 -8.44
N LEU B 241 -9.56 16.64 -9.09
CA LEU B 241 -9.99 16.21 -10.41
C LEU B 241 -10.91 15.03 -10.20
N PHE B 242 -12.06 15.06 -10.87
CA PHE B 242 -13.14 14.08 -10.72
C PHE B 242 -13.88 14.24 -9.39
N GLY B 243 -13.86 15.42 -8.79
CA GLY B 243 -14.78 15.73 -7.72
C GLY B 243 -16.23 15.77 -8.20
N ARG B 244 -17.11 16.01 -7.22
CA ARG B 244 -18.54 16.05 -7.46
C ARG B 244 -19.11 17.23 -6.68
N ASP B 245 -20.38 17.57 -6.97
CA ASP B 245 -21.09 18.59 -6.20
C ASP B 245 -20.87 18.35 -4.71
N SER B 246 -20.92 17.07 -4.30
CA SER B 246 -20.79 16.72 -2.88
C SER B 246 -19.40 16.97 -2.31
N THR B 247 -18.38 17.14 -3.13
CA THR B 247 -17.04 17.28 -2.59
C THR B 247 -16.55 18.71 -2.65
N ILE B 248 -17.34 19.61 -3.22
CA ILE B 248 -16.93 21.01 -3.29
C ILE B 248 -16.68 21.55 -1.89
N ARG B 249 -15.75 22.49 -1.79
CA ARG B 249 -15.17 22.72 -0.50
C ARG B 249 -14.36 24.00 -0.54
N PRO B 250 -14.40 24.85 0.48
CA PRO B 250 -13.53 26.01 0.49
C PRO B 250 -12.08 25.55 0.39
N GLY B 251 -11.25 26.39 -0.18
CA GLY B 251 -9.87 26.04 -0.36
C GLY B 251 -9.55 25.23 -1.60
N TRP B 252 -10.54 24.82 -2.38
CA TRP B 252 -10.32 23.86 -3.45
C TRP B 252 -10.96 24.30 -4.74
N LEU B 253 -10.34 23.92 -5.85
CA LEU B 253 -10.93 24.00 -7.18
C LEU B 253 -11.30 22.58 -7.60
N THR B 254 -12.56 22.38 -7.90
CA THR B 254 -13.09 21.08 -8.24
C THR B 254 -13.46 21.04 -9.72
N VAL B 255 -12.95 20.01 -10.43
CA VAL B 255 -13.27 19.80 -11.85
C VAL B 255 -13.78 18.38 -12.03
N GLY B 256 -14.95 18.24 -12.62
CA GLY B 256 -15.51 16.92 -12.80
C GLY B 256 -16.62 16.93 -13.83
N PRO B 257 -16.93 15.75 -14.38
CA PRO B 257 -17.98 15.68 -15.40
C PRO B 257 -19.39 15.75 -14.86
N THR B 258 -19.61 15.42 -13.58
CA THR B 258 -20.96 15.38 -13.04
C THR B 258 -21.35 16.65 -12.28
N LEU B 259 -20.42 17.59 -12.06
CA LEU B 259 -20.81 18.88 -11.49
C LEU B 259 -21.98 19.45 -12.26
N THR B 260 -22.97 20.00 -11.54
CA THR B 260 -24.16 20.54 -12.18
C THR B 260 -24.05 22.02 -12.48
N ASN B 261 -23.19 22.74 -11.78
CA ASN B 261 -22.99 24.17 -11.96
C ASN B 261 -21.51 24.45 -12.05
N SER B 262 -21.16 25.59 -12.63
CA SER B 262 -19.77 26.01 -12.68
C SER B 262 -19.70 27.45 -12.22
N ASN B 263 -18.56 27.81 -11.65
CA ASN B 263 -18.28 29.21 -11.36
C ASN B 263 -16.83 29.57 -11.67
N TYR B 264 -16.09 28.69 -12.34
CA TYR B 264 -14.66 28.88 -12.52
C TYR B 264 -14.36 30.03 -13.47
N ASN B 265 -13.40 30.85 -13.09
CA ASN B 265 -12.87 31.86 -14.00
C ASN B 265 -11.40 32.01 -13.70
N ALA B 266 -10.57 31.74 -14.71
CA ALA B 266 -9.12 31.68 -14.56
C ALA B 266 -8.56 32.95 -13.96
N GLU B 267 -9.02 34.10 -14.44
CA GLU B 267 -8.47 35.34 -13.93
C GLU B 267 -8.92 35.57 -12.48
N THR B 268 -10.20 35.34 -12.19
CA THR B 268 -10.66 35.41 -10.82
C THR B 268 -9.90 34.45 -9.93
N TYR B 269 -9.76 33.20 -10.38
CA TYR B 269 -8.98 32.23 -9.63
C TYR B 269 -7.56 32.73 -9.40
N ALA B 270 -6.92 33.26 -10.45
CA ALA B 270 -5.53 33.71 -10.36
C ALA B 270 -5.41 34.86 -9.37
N SER B 271 -6.41 35.72 -9.35
CA SER B 271 -6.36 36.87 -8.45
C SER B 271 -6.24 36.47 -6.99
N TYR B 272 -6.72 35.28 -6.61
CA TYR B 272 -6.61 34.86 -5.22
C TYR B 272 -5.18 34.61 -4.80
N PHE B 273 -4.26 34.51 -5.74
CA PHE B 273 -2.88 34.17 -5.42
C PHE B 273 -1.88 35.21 -5.91
N SER B 274 -2.35 36.34 -6.44
CA SER B 274 -1.43 37.39 -6.80
C SER B 274 -0.79 37.95 -5.54
N ALA B 275 0.34 38.64 -5.72
CA ALA B 275 1.05 39.24 -4.59
C ALA B 275 0.07 40.09 -3.79
N PRO B 276 0.24 40.19 -2.46
CA PRO B 276 1.33 39.62 -1.66
C PRO B 276 1.07 38.19 -1.17
N ASN B 277 0.29 37.42 -1.92
CA ASN B 277 -0.23 36.15 -1.42
C ASN B 277 0.31 34.94 -2.15
N SER B 278 1.32 35.12 -3.02
CA SER B 278 1.70 34.09 -3.98
C SER B 278 2.19 32.81 -3.33
N TYR B 279 2.84 32.88 -2.17
CA TYR B 279 3.59 31.74 -1.66
C TYR B 279 3.07 31.23 -0.31
N LEU B 280 1.86 31.61 0.10
CA LEU B 280 1.34 31.23 1.41
C LEU B 280 1.22 29.71 1.51
N THR B 281 1.44 29.18 2.71
CA THR B 281 1.25 27.73 2.89
C THR B 281 -0.21 27.34 2.98
N GLY B 282 -1.09 28.28 3.35
CA GLY B 282 -2.43 27.93 3.76
C GLY B 282 -2.57 27.73 5.25
N CYS B 283 -1.47 27.84 6.01
CA CYS B 283 -1.46 27.64 7.45
C CYS B 283 -1.01 28.88 8.22
N THR B 284 -1.05 30.05 7.60
CA THR B 284 -0.60 31.28 8.24
C THR B 284 -1.73 32.30 8.21
N GLU B 285 -1.52 33.45 8.85
CA GLU B 285 -2.55 34.47 8.85
C GLU B 285 -2.65 35.14 7.48
N GLU B 286 -3.79 35.77 7.21
CA GLU B 286 -3.91 36.59 6.01
C GLU B 286 -3.06 37.84 6.14
N ILE B 287 -2.51 38.30 5.01
CA ILE B 287 -1.64 39.47 4.99
C ILE B 287 -2.48 40.74 4.95
N GLU B 288 -2.24 41.66 5.88
CA GLU B 288 -3.09 42.85 6.06
C GLU B 288 -3.13 43.80 4.85
C10 UYZ C . 14.78 -7.86 8.10
C13 UYZ C . 15.46 -7.53 9.42
C15 UYZ C . 16.26 -9.83 9.76
C17 UYZ C . 17.37 -11.98 9.48
C20 UYZ C . 19.63 -10.57 8.23
C22 UYZ C . 20.21 -12.76 6.86
C24 UYZ C . 20.54 -14.86 5.60
C26 UYZ C . 21.87 -12.76 4.95
C28 UYZ C . 21.78 -10.78 5.92
C01 UYZ C . 7.06 -6.46 9.49
C02 UYZ C . 8.36 -5.64 9.29
C03 UYZ C . 8.20 -4.32 10.07
C04 UYZ C . 8.52 -5.34 7.89
C05 UYZ C . 9.90 -4.77 7.58
C07 UYZ C . 12.07 -4.85 7.94
C08 UYZ C . 13.24 -5.73 8.45
C09 UYZ C . 13.65 -6.94 7.62
C11 UYZ C . 13.95 -5.41 9.77
C12 UYZ C . 15.06 -6.32 10.27
C16 UYZ C . 17.55 -10.54 9.64
C18 UYZ C . 18.54 -12.78 8.90
C19 UYZ C . 18.29 -9.93 8.55
C27 UYZ C . 21.26 -12.05 5.95
C29 UYZ C . 22.70 -10.68 4.89
C32 UYZ C . 17.03 -8.16 11.21
C33 UYZ C . 18.22 -9.12 11.61
C35 UYZ C . 10.84 -5.97 9.47
C36 UYZ C . 9.43 -6.48 9.81
N06 UYZ C . 11.03 -5.51 8.11
N14 UYZ C . 16.53 -8.42 9.90
N21 UYZ C . 19.53 -12.07 7.96
N23 UYZ C . 19.89 -14.12 6.65
N25 UYZ C . 21.53 -14.19 4.73
N30 UYZ C . 22.75 -11.91 4.29
N31 UYZ C . 18.46 -10.31 10.78
O34 UYZ C . 18.90 -8.86 12.55
C ACT D . 7.72 5.97 -7.15
O ACT D . 8.26 6.83 -6.39
OXT ACT D . 8.24 4.95 -7.69
CH3 ACT D . 6.18 6.14 -7.48
#